data_4AUC
#
_entry.id   4AUC
#
_cell.length_a   93.500
_cell.length_b   93.500
_cell.length_c   89.000
_cell.angle_alpha   90.00
_cell.angle_beta   90.00
_cell.angle_gamma   120.00
#
_symmetry.space_group_name_H-M   'P 32 2 1'
#
loop_
_entity.id
_entity.type
_entity.pdbx_description
1 polymer CHYMOSIN
2 polymer 'PEPSTATIN A'
3 non-polymer 'SODIUM ION'
4 non-polymer 'CADMIUM ION'
5 non-polymer 1,2-ETHANEDIOL
6 water water
#
loop_
_entity_poly.entity_id
_entity_poly.type
_entity_poly.pdbx_seq_one_letter_code
_entity_poly.pdbx_strand_id
1 'polypeptide(L)'
;GEVASVPLTNYLDSQYFGKIYLGTPPQEFTVLFDTGSSDFWVPSIYCKSNACKNHQRFDPRKSSTFQNLGKPLSIHYGTG
SMQGILGYDTVTVSNIVDIQQTVGLSTQEPGDVFTYAEFDGILGMAYPSLASEYSIPVFDNMMNRHLVAQDLFSVYMDRN
GQESMLTLGAIDPSYYTGSLHWVPVTVQQYWQFTVDSVTISGVVVACEGGCQAILDTGTSKLVGPSSDILNIQQAIGATQ
NQYGEFDIDCDNLSYMPTVVFEINGKMYPLTPSAYTSQDQGFCTSGFQSENHSQKWILGDVFIREYYSVFDRANNLVGLA
KAI
;
A
2 'polypeptide(L)' (IVA)VV(STA)A(STA) B
#
loop_
_chem_comp.id
_chem_comp.type
_chem_comp.name
_chem_comp.formula
CD non-polymer 'CADMIUM ION' 'Cd 2'
EDO non-polymer 1,2-ETHANEDIOL 'C2 H6 O2'
IVA non-polymer 'ISOVALERIC ACID' 'C5 H10 O2'
NA non-polymer 'SODIUM ION' 'Na 1'
STA peptide-like STATINE 'C8 H17 N O3'
#
# COMPACT_ATOMS: atom_id res chain seq x y z
N GLY A 1 -9.01 17.75 -16.95
CA GLY A 1 -8.76 17.29 -15.61
C GLY A 1 -7.42 17.76 -15.12
N GLU A 2 -7.18 17.61 -13.85
CA GLU A 2 -5.91 18.05 -13.34
C GLU A 2 -5.01 17.02 -12.69
N VAL A 3 -3.76 17.42 -12.52
CA VAL A 3 -2.80 16.59 -11.81
C VAL A 3 -2.74 17.08 -10.38
N ALA A 4 -2.70 16.14 -9.45
CA ALA A 4 -2.60 16.48 -8.04
C ALA A 4 -1.41 15.81 -7.39
N SER A 5 -0.58 16.60 -6.72
CA SER A 5 0.53 16.06 -5.95
C SER A 5 0.11 15.96 -4.49
N VAL A 6 0.25 14.76 -3.92
CA VAL A 6 -0.13 14.49 -2.55
C VAL A 6 1.11 14.03 -1.80
N PRO A 7 1.79 14.95 -1.11
CA PRO A 7 2.98 14.55 -0.35
C PRO A 7 2.64 13.50 0.69
N LEU A 8 3.50 12.50 0.79
CA LEU A 8 3.33 11.44 1.76
C LEU A 8 4.39 11.52 2.84
N THR A 9 3.95 11.31 4.08
CA THR A 9 4.84 11.20 5.22
C THR A 9 5.13 9.73 5.49
N ASN A 10 6.39 9.45 5.82
CA ASN A 10 6.88 8.14 6.09
C ASN A 10 7.02 7.95 7.61
N TYR A 11 6.38 6.92 8.15
CA TYR A 11 6.59 6.54 9.54
C TYR A 11 7.27 5.18 9.62
N LEU A 12 8.52 5.19 10.08
CA LEU A 12 9.33 4.00 10.25
C LEU A 12 9.46 3.07 9.04
N ASP A 13 9.41 3.65 7.86
CA ASP A 13 9.48 2.91 6.64
C ASP A 13 8.37 1.87 6.51
N SER A 14 7.31 2.03 7.28
CA SER A 14 6.30 0.98 7.37
C SER A 14 4.93 1.44 6.94
N GLN A 15 4.75 2.75 6.87
CA GLN A 15 3.47 3.31 6.46
C GLN A 15 3.68 4.70 5.89
N TYR A 16 2.97 4.98 4.80
CA TYR A 16 3.13 6.22 4.06
C TYR A 16 1.75 6.81 3.90
N PHE A 17 1.56 8.02 4.42
CA PHE A 17 0.23 8.60 4.49
C PHE A 17 0.22 10.08 4.13
N GLY A 18 -0.95 10.60 3.77
CA GLY A 18 -1.10 11.98 3.38
C GLY A 18 -2.33 12.60 4.00
N LYS A 19 -2.51 13.90 3.78
CA LYS A 19 -3.62 14.63 4.39
C LYS A 19 -4.78 14.79 3.44
N ILE A 20 -5.97 14.51 3.93
CA ILE A 20 -7.18 14.85 3.24
C ILE A 20 -8.09 15.72 4.09
N TYR A 21 -9.03 16.39 3.44
CA TYR A 21 -9.94 17.28 4.15
C TYR A 21 -11.37 16.86 3.87
N LEU A 22 -12.13 16.65 4.92
CA LEU A 22 -13.46 16.12 4.82
C LEU A 22 -14.54 17.06 5.40
N GLY A 23 -15.56 17.32 4.62
CA GLY A 23 -16.70 18.08 5.10
C GLY A 23 -16.63 19.60 4.90
N THR A 24 -17.71 20.27 5.29
CA THR A 24 -17.78 21.70 5.22
C THR A 24 -18.18 22.27 6.59
N PRO A 25 -17.31 22.95 7.29
CA PRO A 25 -15.93 23.27 6.92
C PRO A 25 -15.03 22.04 7.03
N PRO A 26 -13.86 22.07 6.38
CA PRO A 26 -12.95 20.92 6.33
C PRO A 26 -12.48 20.42 7.70
N GLN A 27 -12.66 19.13 7.94
CA GLN A 27 -12.03 18.46 9.05
C GLN A 27 -10.84 17.68 8.48
N GLU A 28 -9.66 17.86 9.05
CA GLU A 28 -8.43 17.30 8.50
C GLU A 28 -8.11 15.91 9.04
N PHE A 29 -7.69 15.00 8.15
CA PHE A 29 -7.30 13.66 8.57
C PHE A 29 -6.07 13.23 7.80
N THR A 30 -5.29 12.34 8.39
CA THR A 30 -4.25 11.66 7.65
C THR A 30 -4.80 10.30 7.23
N VAL A 31 -4.56 9.92 5.98
CA VAL A 31 -5.01 8.61 5.54
C VAL A 31 -3.88 7.89 4.82
N LEU A 32 -3.85 6.58 4.98
CA LEU A 32 -2.91 5.75 4.22
C LEU A 32 -3.56 5.50 2.86
N PHE A 33 -2.90 5.87 1.78
CA PHE A 33 -3.40 5.64 0.47
C PHE A 33 -3.01 4.21 0.05
N ASP A 34 -3.99 3.33 -0.02
CA ASP A 34 -3.78 1.89 0.05
C ASP A 34 -4.16 1.23 -1.27
N THR A 35 -3.18 0.81 -2.05
CA THR A 35 -3.52 0.13 -3.29
C THR A 35 -3.99 -1.30 -3.07
N GLY A 36 -4.05 -1.74 -1.82
CA GLY A 36 -4.53 -3.08 -1.51
C GLY A 36 -5.94 -3.13 -0.94
N SER A 37 -6.67 -2.03 -1.05
CA SER A 37 -8.09 -2.00 -0.67
C SER A 37 -8.78 -0.92 -1.46
N SER A 38 -10.10 -0.79 -1.32
CA SER A 38 -10.84 0.15 -2.15
C SER A 38 -11.81 1.03 -1.39
N ASP A 39 -11.89 0.84 -0.07
CA ASP A 39 -12.81 1.64 0.74
C ASP A 39 -12.13 2.86 1.35
N PHE A 40 -12.91 3.92 1.53
CA PHE A 40 -12.45 5.15 2.16
C PHE A 40 -13.18 5.30 3.49
N TRP A 41 -12.43 5.38 4.59
CA TRP A 41 -13.03 5.56 5.92
C TRP A 41 -12.14 6.34 6.86
N VAL A 42 -12.76 6.97 7.85
CA VAL A 42 -12.03 7.71 8.88
C VAL A 42 -12.67 7.39 10.22
N PRO A 43 -11.95 7.63 11.33
CA PRO A 43 -12.60 7.43 12.63
C PRO A 43 -13.67 8.49 12.84
N SER A 44 -14.65 8.21 13.68
CA SER A 44 -15.69 9.19 13.96
C SER A 44 -16.02 9.22 15.44
N ILE A 45 -16.89 10.15 15.81
CA ILE A 45 -17.33 10.32 17.18
C ILE A 45 -18.08 9.10 17.72
N TYR A 46 -18.54 8.23 16.83
CA TYR A 46 -19.30 7.05 17.21
C TYR A 46 -18.43 5.87 17.65
N CYS A 47 -17.11 6.03 17.54
CA CYS A 47 -16.20 4.95 17.90
C CYS A 47 -15.54 5.20 19.25
N LYS A 48 -15.60 4.22 20.13
CA LYS A 48 -14.99 4.33 21.45
C LYS A 48 -13.81 3.38 21.63
N SER A 49 -13.42 2.70 20.56
CA SER A 49 -12.24 1.83 20.57
C SER A 49 -11.01 2.64 20.95
N ASN A 50 -9.99 1.96 21.48
CA ASN A 50 -8.75 2.63 21.84
C ASN A 50 -8.11 3.36 20.65
N ALA A 51 -8.13 2.73 19.48
CA ALA A 51 -7.55 3.34 18.28
C ALA A 51 -8.22 4.65 17.91
N CYS A 52 -9.52 4.75 18.20
CA CYS A 52 -10.26 5.96 17.87
C CYS A 52 -9.96 7.09 18.86
N LYS A 53 -9.55 6.70 20.08
CA LYS A 53 -9.26 7.68 21.12
C LYS A 53 -8.01 8.51 20.85
N ASN A 54 -6.98 7.89 20.31
CA ASN A 54 -5.74 8.61 20.02
C ASN A 54 -5.59 9.01 18.54
N HIS A 55 -6.70 9.12 17.82
CA HIS A 55 -6.71 9.65 16.45
C HIS A 55 -7.75 10.68 16.24
N GLN A 56 -7.72 11.42 15.15
CA GLN A 56 -8.75 12.39 14.78
C GLN A 56 -10.07 11.68 14.48
N ARG A 57 -11.15 12.22 15.03
CA ARG A 57 -12.48 11.65 14.81
C ARG A 57 -13.37 12.64 14.06
N PHE A 58 -14.05 12.16 13.03
CA PHE A 58 -14.93 12.99 12.23
C PHE A 58 -16.23 13.25 12.97
N ASP A 59 -16.68 14.52 12.96
CA ASP A 59 -17.96 14.89 13.54
C ASP A 59 -18.90 15.35 12.42
N PRO A 60 -19.80 14.45 11.98
CA PRO A 60 -20.71 14.75 10.87
C PRO A 60 -21.69 15.87 11.22
N ARG A 61 -21.92 16.08 12.51
CA ARG A 61 -22.86 17.11 12.96
C ARG A 61 -22.32 18.51 12.68
N LYS A 62 -21.01 18.62 12.54
CA LYS A 62 -20.37 19.91 12.25
C LYS A 62 -20.21 20.15 10.76
N SER A 63 -20.67 19.22 9.93
CA SER A 63 -20.53 19.37 8.48
C SER A 63 -21.86 19.59 7.75
N SER A 64 -21.96 20.73 7.07
CA SER A 64 -23.18 21.10 6.36
C SER A 64 -23.40 20.30 5.08
N THR A 65 -22.36 19.63 4.61
CA THR A 65 -22.48 18.85 3.37
C THR A 65 -22.70 17.36 3.62
N PHE A 66 -22.64 16.94 4.88
CA PHE A 66 -22.79 15.53 5.20
C PHE A 66 -24.21 15.00 4.98
N GLN A 67 -24.32 13.89 4.32
CA GLN A 67 -25.56 13.20 4.11
C GLN A 67 -25.34 11.78 4.54
N ASN A 68 -26.13 11.29 5.46
CA ASN A 68 -25.99 9.92 5.91
C ASN A 68 -26.57 8.96 4.87
N LEU A 69 -26.05 7.75 4.86
CA LEU A 69 -26.46 6.82 3.88
C LEU A 69 -27.18 5.71 4.54
N GLY A 70 -26.81 5.38 5.75
CA GLY A 70 -27.51 4.39 6.56
C GLY A 70 -26.91 3.00 6.51
N LYS A 71 -26.07 2.73 5.52
CA LYS A 71 -25.58 1.37 5.27
C LYS A 71 -24.34 1.04 6.10
N PRO A 72 -24.25 -0.21 6.58
CA PRO A 72 -23.13 -0.67 7.40
C PRO A 72 -21.87 -0.91 6.59
N LEU A 73 -20.72 -0.82 7.26
CA LEU A 73 -19.44 -1.08 6.63
C LEU A 73 -18.66 -2.01 7.56
N SER A 74 -18.11 -3.06 7.00
CA SER A 74 -17.23 -3.96 7.72
C SER A 74 -16.05 -4.35 6.83
N ILE A 75 -14.85 -4.10 7.32
CA ILE A 75 -13.66 -4.41 6.55
C ILE A 75 -12.66 -5.16 7.40
N HIS A 76 -12.17 -6.28 6.87
CA HIS A 76 -11.09 -7.01 7.51
C HIS A 76 -9.84 -6.86 6.67
N TYR A 77 -8.73 -6.48 7.32
CA TYR A 77 -7.45 -6.41 6.64
C TYR A 77 -6.51 -7.53 7.11
N GLY A 78 -5.37 -7.69 6.41
CA GLY A 78 -4.36 -8.63 6.87
C GLY A 78 -3.96 -8.33 8.30
N THR A 79 -3.89 -7.05 8.62
CA THR A 79 -3.66 -6.56 9.97
C THR A 79 -4.71 -5.55 10.29
N GLY A 80 -5.59 -5.88 11.24
CA GLY A 80 -6.57 -4.90 11.68
C GLY A 80 -7.92 -5.03 11.00
N SER A 81 -8.92 -4.35 11.54
CA SER A 81 -10.27 -4.42 10.99
C SER A 81 -11.06 -3.23 11.46
N MET A 82 -12.22 -3.00 10.84
CA MET A 82 -13.09 -1.93 11.28
C MET A 82 -14.54 -2.22 10.94
N GLN A 83 -15.43 -1.64 11.75
CA GLN A 83 -16.83 -1.58 11.40
C GLN A 83 -17.21 -0.12 11.40
N GLY A 84 -18.22 0.23 10.61
CA GLY A 84 -18.64 1.61 10.57
C GLY A 84 -19.97 1.78 9.85
N ILE A 85 -20.30 3.04 9.57
CA ILE A 85 -21.52 3.36 8.84
C ILE A 85 -21.19 4.32 7.71
N LEU A 86 -21.73 4.06 6.52
CA LEU A 86 -21.45 4.86 5.34
C LEU A 86 -22.27 6.15 5.31
N GLY A 87 -21.66 7.19 4.76
CA GLY A 87 -22.32 8.46 4.52
C GLY A 87 -21.74 9.11 3.27
N TYR A 88 -22.19 10.29 2.93
CA TYR A 88 -21.65 11.05 1.84
C TYR A 88 -21.15 12.33 2.35
N ASP A 89 -20.04 12.80 1.82
CA ASP A 89 -19.55 14.14 2.09
C ASP A 89 -18.53 14.55 1.05
N THR A 90 -18.12 15.81 1.06
CA THR A 90 -17.09 16.29 0.17
C THR A 90 -15.72 15.98 0.76
N VAL A 91 -14.85 15.37 -0.04
CA VAL A 91 -13.46 15.20 0.36
C VAL A 91 -12.57 15.94 -0.62
N THR A 92 -11.54 16.60 -0.09
CA THR A 92 -10.58 17.31 -0.92
C THR A 92 -9.24 16.60 -0.78
N VAL A 93 -8.64 16.28 -1.92
CA VAL A 93 -7.35 15.61 -1.94
C VAL A 93 -6.42 16.48 -2.77
N SER A 94 -5.52 17.17 -2.12
CA SER A 94 -4.75 18.18 -2.75
C SER A 94 -5.66 19.16 -3.43
N ASN A 95 -5.39 19.45 -4.69
CA ASN A 95 -6.22 20.36 -5.45
C ASN A 95 -7.50 19.80 -6.04
N ILE A 96 -7.78 18.53 -5.83
CA ILE A 96 -8.97 17.91 -6.38
C ILE A 96 -10.12 17.86 -5.37
N VAL A 97 -11.26 18.44 -5.76
CA VAL A 97 -12.43 18.46 -4.90
C VAL A 97 -13.43 17.41 -5.34
N ASP A 98 -13.71 16.47 -4.44
CA ASP A 98 -14.51 15.29 -4.75
C ASP A 98 -15.81 15.32 -3.93
N ILE A 99 -16.85 15.87 -4.52
CA ILE A 99 -18.12 16.01 -3.81
C ILE A 99 -18.90 14.74 -3.73
N GLN A 100 -19.81 14.64 -2.77
CA GLN A 100 -20.73 13.51 -2.65
C GLN A 100 -20.02 12.16 -2.71
N GLN A 101 -18.93 12.06 -1.96
CA GLN A 101 -18.11 10.86 -1.90
C GLN A 101 -18.55 9.98 -0.75
N THR A 102 -18.81 8.70 -1.02
CA THR A 102 -19.05 7.74 0.05
C THR A 102 -17.84 7.67 0.98
N VAL A 103 -18.10 7.70 2.27
CA VAL A 103 -17.04 7.58 3.27
C VAL A 103 -17.56 6.84 4.49
N GLY A 104 -16.76 5.91 5.01
CA GLY A 104 -17.12 5.18 6.22
C GLY A 104 -16.76 5.98 7.46
N LEU A 105 -17.66 5.99 8.44
CA LEU A 105 -17.38 6.56 9.76
C LEU A 105 -17.27 5.41 10.75
N SER A 106 -16.10 5.25 11.37
CA SER A 106 -15.86 4.03 12.15
C SER A 106 -16.74 3.98 13.40
N THR A 107 -17.09 2.75 13.79
CA THR A 107 -17.81 2.54 15.04
C THR A 107 -17.04 1.56 15.93
N GLN A 108 -16.24 0.71 15.30
CA GLN A 108 -15.40 -0.25 16.00
C GLN A 108 -14.05 -0.34 15.30
N GLU A 109 -12.98 -0.25 16.07
CA GLU A 109 -11.64 -0.53 15.57
C GLU A 109 -10.93 -1.40 16.60
N PRO A 110 -11.26 -2.70 16.63
CA PRO A 110 -10.76 -3.62 17.66
C PRO A 110 -9.28 -3.96 17.52
N GLY A 111 -8.61 -4.17 18.63
CA GLY A 111 -7.20 -4.52 18.62
C GLY A 111 -6.31 -3.29 18.49
N ASP A 112 -5.01 -3.52 18.36
CA ASP A 112 -4.08 -2.41 18.46
C ASP A 112 -3.35 -2.04 17.18
N VAL A 113 -3.69 -2.68 16.07
CA VAL A 113 -3.06 -2.35 14.80
C VAL A 113 -3.23 -0.87 14.48
N PHE A 114 -4.46 -0.37 14.62
CA PHE A 114 -4.72 1.02 14.30
C PHE A 114 -4.42 1.96 15.47
N THR A 115 -4.39 1.41 16.68
CA THR A 115 -4.04 2.20 17.85
C THR A 115 -2.65 2.78 17.69
N TYR A 116 -1.74 1.95 17.18
CA TYR A 116 -0.34 2.34 17.08
C TYR A 116 0.05 2.81 15.67
N ALA A 117 -0.92 2.91 14.77
CA ALA A 117 -0.67 3.51 13.48
C ALA A 117 -0.62 5.01 13.55
N GLU A 118 0.19 5.63 12.72
CA GLU A 118 0.28 7.09 12.69
C GLU A 118 -0.88 7.76 11.96
N PHE A 119 -1.47 7.07 10.99
CA PHE A 119 -2.54 7.63 10.18
C PHE A 119 -3.90 7.45 10.88
N ASP A 120 -4.86 8.29 10.52
CA ASP A 120 -6.22 8.20 11.09
C ASP A 120 -7.09 7.17 10.37
N GLY A 121 -7.09 7.23 9.04
CA GLY A 121 -7.96 6.36 8.26
C GLY A 121 -7.27 5.80 7.03
N ILE A 122 -8.07 5.20 6.15
CA ILE A 122 -7.53 4.56 4.97
C ILE A 122 -8.32 5.02 3.76
N LEU A 123 -7.61 5.33 2.67
CA LEU A 123 -8.26 5.66 1.41
C LEU A 123 -7.77 4.65 0.38
N GLY A 124 -8.64 3.69 0.05
CA GLY A 124 -8.29 2.59 -0.83
C GLY A 124 -8.23 3.03 -2.28
N MET A 125 -7.30 2.44 -3.03
CA MET A 125 -6.97 2.84 -4.39
CA MET A 125 -7.09 2.85 -4.42
C MET A 125 -7.00 1.65 -5.36
N ALA A 126 -7.61 0.55 -4.98
CA ALA A 126 -7.78 -0.57 -5.88
C ALA A 126 -9.08 -0.58 -6.65
N TYR A 127 -9.45 -1.71 -7.20
CA TYR A 127 -10.61 -1.76 -8.12
C TYR A 127 -11.95 -1.78 -7.37
N PRO A 128 -13.02 -1.38 -8.05
CA PRO A 128 -14.36 -1.37 -7.42
C PRO A 128 -14.80 -2.75 -6.92
N SER A 129 -14.31 -3.82 -7.54
CA SER A 129 -14.67 -5.18 -7.12
C SER A 129 -14.15 -5.54 -5.72
N LEU A 130 -13.25 -4.71 -5.19
CA LEU A 130 -12.73 -4.92 -3.83
C LEU A 130 -13.46 -4.04 -2.80
N ALA A 131 -14.30 -3.12 -3.29
CA ALA A 131 -15.01 -2.21 -2.40
C ALA A 131 -16.22 -2.87 -1.75
N SER A 132 -16.60 -2.35 -0.58
N SER A 132 -16.59 -2.37 -0.57
CA SER A 132 -17.76 -2.86 0.12
CA SER A 132 -17.78 -2.91 0.09
C SER A 132 -19.03 -2.41 -0.61
C SER A 132 -19.03 -2.44 -0.63
N GLU A 133 -20.15 -3.09 -0.35
CA GLU A 133 -21.43 -2.71 -0.93
C GLU A 133 -21.73 -1.24 -0.63
N TYR A 134 -22.19 -0.52 -1.61
CA TYR A 134 -22.54 0.88 -1.52
C TYR A 134 -21.41 1.86 -1.41
N SER A 135 -20.19 1.36 -1.44
CA SER A 135 -18.99 2.19 -1.30
C SER A 135 -18.33 2.36 -2.67
N ILE A 136 -18.18 3.61 -3.12
CA ILE A 136 -17.54 3.88 -4.41
C ILE A 136 -16.13 4.41 -4.17
N PRO A 137 -15.12 3.75 -4.77
CA PRO A 137 -13.76 4.20 -4.48
C PRO A 137 -13.51 5.63 -4.92
N VAL A 138 -12.71 6.35 -4.15
CA VAL A 138 -12.41 7.75 -4.41
C VAL A 138 -11.88 7.99 -5.82
N PHE A 139 -10.89 7.20 -6.24
CA PHE A 139 -10.29 7.43 -7.55
C PHE A 139 -11.27 7.12 -8.69
N ASP A 140 -12.20 6.20 -8.47
CA ASP A 140 -13.23 5.92 -9.47
C ASP A 140 -14.15 7.12 -9.64
N ASN A 141 -14.51 7.76 -8.55
CA ASN A 141 -15.28 8.99 -8.68
C ASN A 141 -14.48 10.04 -9.44
N MET A 142 -13.21 10.17 -9.12
CA MET A 142 -12.36 11.15 -9.77
C MET A 142 -12.29 10.90 -11.28
N MET A 143 -12.17 9.63 -11.68
CA MET A 143 -12.14 9.31 -13.11
C MET A 143 -13.50 9.53 -13.77
N ASN A 144 -14.55 9.04 -13.12
CA ASN A 144 -15.89 9.07 -13.72
C ASN A 144 -16.41 10.50 -13.90
N ARG A 145 -15.96 11.40 -13.05
CA ARG A 145 -16.33 12.81 -13.14
C ARG A 145 -15.30 13.66 -13.87
N HIS A 146 -14.29 13.02 -14.39
CA HIS A 146 -13.28 13.71 -15.17
C HIS A 146 -12.48 14.73 -14.44
N LEU A 147 -12.22 14.48 -13.16
CA LEU A 147 -11.49 15.42 -12.32
C LEU A 147 -9.97 15.30 -12.48
N VAL A 148 -9.50 14.14 -12.94
CA VAL A 148 -8.06 13.91 -13.07
C VAL A 148 -7.60 13.90 -14.53
N ALA A 149 -6.35 14.30 -14.74
CA ALA A 149 -5.79 14.45 -16.09
C ALA A 149 -5.64 13.12 -16.83
N GLN A 150 -5.28 12.06 -16.11
CA GLN A 150 -5.15 10.73 -16.69
C GLN A 150 -5.70 9.73 -15.70
N ASP A 151 -6.16 8.58 -16.19
CA ASP A 151 -6.74 7.52 -15.37
C ASP A 151 -5.65 6.60 -14.77
N LEU A 152 -4.74 7.25 -14.11
CA LEU A 152 -3.64 6.59 -13.49
C LEU A 152 -3.10 7.40 -12.31
N PHE A 153 -2.32 6.76 -11.46
CA PHE A 153 -1.63 7.47 -10.41
C PHE A 153 -0.30 6.78 -10.13
N SER A 154 0.61 7.50 -9.48
CA SER A 154 1.98 7.02 -9.32
C SER A 154 2.48 7.26 -7.90
N VAL A 155 3.30 6.33 -7.41
CA VAL A 155 3.73 6.39 -6.01
C VAL A 155 5.25 6.28 -5.89
N TYR A 156 5.85 7.31 -5.28
CA TYR A 156 7.27 7.33 -4.96
C TYR A 156 7.45 7.25 -3.44
N MET A 157 8.22 6.27 -2.99
CA MET A 157 8.53 6.14 -1.56
C MET A 157 10.00 6.40 -1.35
N ASP A 158 10.32 7.51 -0.71
CA ASP A 158 11.67 8.04 -0.52
C ASP A 158 12.41 7.17 0.47
N ARG A 159 13.61 6.74 0.10
CA ARG A 159 14.44 5.98 0.98
C ARG A 159 15.25 6.85 1.94
N ASN A 160 15.57 8.09 1.57
CA ASN A 160 16.54 8.90 2.31
C ASN A 160 16.00 10.22 2.88
N GLY A 161 14.68 10.34 3.01
CA GLY A 161 14.09 11.56 3.53
C GLY A 161 12.58 11.50 3.60
N GLN A 162 11.93 12.65 3.59
CA GLN A 162 10.49 12.73 3.62
C GLN A 162 9.94 13.39 2.36
N GLU A 163 10.47 12.99 1.22
CA GLU A 163 9.98 13.42 -0.06
C GLU A 163 9.06 12.46 -0.81
N SER A 164 8.49 11.53 -0.09
CA SER A 164 7.57 10.57 -0.72
C SER A 164 6.39 11.29 -1.35
N MET A 165 5.82 10.71 -2.39
CA MET A 165 4.80 11.40 -3.16
C MET A 165 3.83 10.47 -3.87
N LEU A 166 2.55 10.81 -3.75
CA LEU A 166 1.49 10.22 -4.58
C LEU A 166 1.11 11.26 -5.62
N THR A 167 1.12 10.88 -6.90
CA THR A 167 0.73 11.78 -7.97
C THR A 167 -0.54 11.25 -8.63
N LEU A 168 -1.63 12.02 -8.55
CA LEU A 168 -2.88 11.60 -9.18
C LEU A 168 -2.92 12.17 -10.59
N GLY A 169 -3.05 11.30 -11.58
CA GLY A 169 -3.26 11.74 -12.95
C GLY A 169 -1.99 11.93 -13.77
N ALA A 170 -0.82 11.57 -13.22
CA ALA A 170 0.42 11.71 -13.97
C ALA A 170 1.54 10.84 -13.41
N ILE A 171 2.60 10.72 -14.19
CA ILE A 171 3.87 10.13 -13.75
C ILE A 171 4.87 11.29 -13.64
N ASP A 172 5.76 11.24 -12.65
CA ASP A 172 6.80 12.27 -12.52
C ASP A 172 8.17 11.65 -12.79
N PRO A 173 8.81 12.04 -13.91
CA PRO A 173 10.07 11.42 -14.33
C PRO A 173 11.26 11.70 -13.41
N SER A 174 11.10 12.65 -12.49
CA SER A 174 12.18 12.99 -11.58
C SER A 174 12.36 11.90 -10.52
N TYR A 175 11.41 10.96 -10.46
CA TYR A 175 11.47 9.93 -9.43
C TYR A 175 12.07 8.62 -9.91
N TYR A 176 12.46 8.53 -11.18
CA TYR A 176 13.03 7.29 -11.65
C TYR A 176 14.13 7.46 -12.70
N THR A 177 14.89 6.39 -12.92
CA THR A 177 15.86 6.34 -14.02
C THR A 177 15.49 5.18 -14.94
N GLY A 178 16.07 5.15 -16.13
CA GLY A 178 15.73 4.11 -17.08
C GLY A 178 14.32 4.26 -17.64
N SER A 179 13.76 3.14 -18.09
CA SER A 179 12.46 3.12 -18.74
CA SER A 179 12.46 3.14 -18.73
CA SER A 179 12.46 3.12 -18.75
C SER A 179 11.38 2.54 -17.83
N LEU A 180 10.15 3.01 -18.02
CA LEU A 180 9.01 2.41 -17.34
C LEU A 180 8.69 1.10 -18.06
N HIS A 181 8.35 0.06 -17.31
CA HIS A 181 8.04 -1.26 -17.82
C HIS A 181 6.62 -1.54 -17.43
N TRP A 182 5.83 -2.02 -18.37
CA TRP A 182 4.40 -2.26 -18.15
C TRP A 182 4.08 -3.72 -17.97
N VAL A 183 3.22 -3.98 -16.99
CA VAL A 183 2.88 -5.34 -16.58
C VAL A 183 1.35 -5.45 -16.57
N PRO A 184 0.78 -6.42 -17.30
CA PRO A 184 -0.67 -6.47 -17.34
C PRO A 184 -1.31 -6.97 -16.06
N VAL A 185 -2.42 -6.35 -15.68
CA VAL A 185 -3.18 -6.81 -14.53
C VAL A 185 -3.93 -8.09 -14.90
N THR A 186 -3.83 -9.12 -14.05
CA THR A 186 -4.44 -10.41 -14.39
C THR A 186 -5.88 -10.50 -13.87
N VAL A 187 -6.07 -10.20 -12.60
CA VAL A 187 -7.38 -10.21 -11.97
C VAL A 187 -7.62 -8.80 -11.43
N GLN A 188 -8.66 -8.15 -11.89
CA GLN A 188 -8.97 -6.80 -11.52
C GLN A 188 -9.73 -6.72 -10.19
N GLN A 189 -8.96 -6.69 -9.13
CA GLN A 189 -9.54 -6.52 -7.81
C GLN A 189 -8.49 -5.83 -6.95
N TYR A 190 -7.45 -6.56 -6.65
CA TYR A 190 -6.19 -5.94 -6.25
C TYR A 190 -5.47 -5.54 -7.52
N TRP A 191 -4.33 -4.91 -7.36
CA TRP A 191 -3.46 -4.63 -8.51
C TRP A 191 -2.57 -5.83 -8.68
N GLN A 192 -3.10 -6.85 -9.34
CA GLN A 192 -2.53 -8.19 -9.34
C GLN A 192 -1.94 -8.54 -10.69
N PHE A 193 -0.85 -9.29 -10.70
CA PHE A 193 -0.14 -9.68 -11.92
C PHE A 193 0.68 -10.92 -11.69
N THR A 194 1.21 -11.50 -12.77
CA THR A 194 2.01 -12.72 -12.68
C THR A 194 3.50 -12.43 -12.51
N VAL A 195 4.12 -13.11 -11.55
CA VAL A 195 5.57 -13.12 -11.39
C VAL A 195 6.08 -14.46 -11.92
N ASP A 196 7.10 -14.45 -12.71
CA ASP A 196 7.51 -15.69 -13.38
C ASP A 196 8.49 -16.54 -12.61
N SER A 197 9.32 -15.91 -11.79
CA SER A 197 10.28 -16.63 -10.95
C SER A 197 10.91 -15.70 -9.94
N VAL A 198 11.50 -16.29 -8.88
CA VAL A 198 12.38 -15.54 -7.98
C VAL A 198 13.70 -16.31 -7.94
N THR A 199 14.79 -15.62 -8.23
CA THR A 199 16.09 -16.28 -8.35
C THR A 199 17.15 -15.60 -7.52
N ILE A 200 18.21 -16.37 -7.25
CA ILE A 200 19.46 -15.85 -6.77
C ILE A 200 20.56 -16.43 -7.67
N SER A 201 21.29 -15.56 -8.34
CA SER A 201 22.36 -15.97 -9.26
C SER A 201 21.89 -17.03 -10.27
N GLY A 202 20.71 -16.82 -10.84
CA GLY A 202 20.19 -17.72 -11.84
C GLY A 202 19.51 -18.96 -11.31
N VAL A 203 19.58 -19.17 -10.00
CA VAL A 203 18.93 -20.33 -9.39
C VAL A 203 17.56 -19.98 -8.81
N VAL A 204 16.53 -20.67 -9.25
CA VAL A 204 15.18 -20.44 -8.74
C VAL A 204 15.10 -20.83 -7.27
N VAL A 205 14.67 -19.89 -6.44
CA VAL A 205 14.51 -20.15 -5.01
C VAL A 205 13.05 -20.06 -4.54
N ALA A 206 12.20 -19.43 -5.35
CA ALA A 206 10.82 -19.23 -5.02
C ALA A 206 10.00 -18.91 -6.28
N CYS A 207 8.71 -19.09 -6.22
N CYS A 207 8.70 -19.09 -6.23
CA CYS A 207 7.85 -18.82 -7.35
CA CYS A 207 7.85 -18.83 -7.37
C CYS A 207 8.20 -19.72 -8.52
C CYS A 207 8.19 -19.73 -8.54
N GLU A 208 8.48 -20.97 -8.24
CA GLU A 208 8.81 -21.91 -9.30
C GLU A 208 7.55 -22.20 -10.11
N GLY A 209 7.63 -21.96 -11.41
CA GLY A 209 6.49 -22.19 -12.29
C GLY A 209 5.50 -21.03 -12.30
N GLY A 210 5.87 -19.90 -11.71
CA GLY A 210 5.01 -18.74 -11.73
C GLY A 210 4.10 -18.61 -10.52
N CYS A 211 3.75 -17.37 -10.23
CA CYS A 211 2.85 -17.08 -9.13
C CYS A 211 2.11 -15.78 -9.32
N GLN A 212 1.09 -15.56 -8.51
CA GLN A 212 0.40 -14.27 -8.51
C GLN A 212 0.94 -13.35 -7.41
N ALA A 213 1.01 -12.06 -7.71
CA ALA A 213 1.45 -11.07 -6.76
C ALA A 213 0.58 -9.83 -6.85
N ILE A 214 0.53 -9.05 -5.78
CA ILE A 214 -0.14 -7.75 -5.85
C ILE A 214 0.85 -6.67 -5.49
N LEU A 215 0.63 -5.47 -6.01
CA LEU A 215 1.49 -4.35 -5.67
C LEU A 215 0.72 -3.48 -4.67
N ASP A 216 1.21 -3.43 -3.43
CA ASP A 216 0.39 -2.88 -2.34
C ASP A 216 1.12 -1.84 -1.50
N THR A 217 0.77 -0.57 -1.68
CA THR A 217 1.36 0.52 -0.90
C THR A 217 1.08 0.37 0.60
N GLY A 218 -0.02 -0.29 0.94
CA GLY A 218 -0.44 -0.48 2.31
C GLY A 218 0.07 -1.74 3.00
N THR A 219 1.08 -2.39 2.42
CA THR A 219 1.77 -3.47 3.10
C THR A 219 3.22 -3.06 3.32
N SER A 220 3.69 -3.14 4.57
CA SER A 220 5.04 -2.68 4.87
C SER A 220 6.14 -3.54 4.23
N LYS A 221 5.97 -4.86 4.31
CA LYS A 221 7.03 -5.79 3.95
C LYS A 221 6.81 -6.42 2.59
N LEU A 222 7.71 -7.33 2.21
CA LEU A 222 7.51 -8.15 1.03
C LEU A 222 7.00 -9.49 1.54
N VAL A 223 5.73 -9.77 1.28
CA VAL A 223 5.05 -10.92 1.84
C VAL A 223 4.93 -12.04 0.79
N GLY A 224 5.16 -13.28 1.21
CA GLY A 224 5.02 -14.39 0.28
C GLY A 224 4.61 -15.66 1.00
N PRO A 225 4.28 -16.69 0.23
CA PRO A 225 3.91 -18.00 0.78
C PRO A 225 5.00 -18.50 1.70
N SER A 226 4.59 -19.03 2.85
CA SER A 226 5.56 -19.32 3.91
C SER A 226 6.75 -20.20 3.48
N SER A 227 6.54 -21.27 2.74
CA SER A 227 7.67 -22.12 2.38
CA SER A 227 7.65 -22.15 2.33
C SER A 227 8.65 -21.43 1.43
N ASP A 228 8.13 -20.65 0.49
CA ASP A 228 8.98 -19.87 -0.39
C ASP A 228 9.76 -18.80 0.39
N ILE A 229 9.07 -18.12 1.30
CA ILE A 229 9.72 -17.09 2.13
C ILE A 229 10.80 -17.70 3.01
N LEU A 230 10.52 -18.87 3.59
CA LEU A 230 11.53 -19.53 4.40
C LEU A 230 12.79 -19.88 3.60
N ASN A 231 12.60 -20.27 2.34
CA ASN A 231 13.75 -20.54 1.48
CA ASN A 231 13.73 -20.54 1.46
C ASN A 231 14.57 -19.28 1.23
N ILE A 232 13.88 -18.15 1.04
CA ILE A 232 14.58 -16.89 0.88
C ILE A 232 15.34 -16.49 2.15
N GLN A 233 14.67 -16.62 3.31
CA GLN A 233 15.29 -16.25 4.59
C GLN A 233 16.59 -17.05 4.77
N GLN A 234 16.53 -18.34 4.47
CA GLN A 234 17.72 -19.20 4.54
C GLN A 234 18.84 -18.72 3.63
N ALA A 235 18.49 -18.41 2.38
CA ALA A 235 19.48 -17.99 1.39
C ALA A 235 20.18 -16.68 1.77
N ILE A 236 19.46 -15.76 2.39
CA ILE A 236 20.03 -14.45 2.73
C ILE A 236 20.67 -14.41 4.12
N GLY A 237 20.45 -15.46 4.91
CA GLY A 237 21.02 -15.53 6.25
C GLY A 237 20.17 -14.89 7.33
N ALA A 238 18.88 -14.73 7.08
CA ALA A 238 17.98 -14.21 8.11
C ALA A 238 17.54 -15.35 9.01
N THR A 239 17.74 -15.17 10.31
CA THR A 239 17.54 -16.26 11.28
C THR A 239 16.55 -15.84 12.33
N GLN A 240 15.63 -16.74 12.71
CA GLN A 240 14.58 -16.39 13.63
C GLN A 240 15.10 -16.38 15.08
N ASN A 241 14.88 -15.27 15.78
CA ASN A 241 15.32 -15.18 17.18
C ASN A 241 14.30 -15.76 18.14
N GLN A 242 14.55 -15.63 19.44
CA GLN A 242 13.66 -16.26 20.41
C GLN A 242 12.26 -15.64 20.44
N TYR A 243 12.10 -14.48 19.80
CA TYR A 243 10.82 -13.76 19.76
C TYR A 243 10.12 -13.87 18.41
N GLY A 244 10.73 -14.60 17.48
CA GLY A 244 10.11 -14.86 16.19
C GLY A 244 10.51 -13.86 15.12
N GLU A 245 11.45 -12.97 15.46
CA GLU A 245 11.89 -11.90 14.56
C GLU A 245 13.04 -12.44 13.71
N PHE A 246 13.01 -12.20 12.40
CA PHE A 246 14.09 -12.66 11.53
C PHE A 246 15.20 -11.63 11.45
N ASP A 247 16.31 -11.95 12.11
CA ASP A 247 17.43 -11.02 12.25
C ASP A 247 18.49 -11.29 11.20
N ILE A 248 19.20 -10.22 10.82
CA ILE A 248 20.28 -10.30 9.85
C ILE A 248 21.51 -9.66 10.47
N ASP A 249 22.66 -10.28 10.28
CA ASP A 249 23.91 -9.70 10.78
C ASP A 249 24.31 -8.54 9.86
N CYS A 250 24.28 -7.31 10.39
CA CYS A 250 24.58 -6.14 9.59
CA CYS A 250 24.61 -6.10 9.64
C CYS A 250 25.94 -6.20 8.90
N ASP A 251 26.92 -6.85 9.52
CA ASP A 251 28.23 -6.86 8.88
C ASP A 251 28.33 -7.76 7.65
N ASN A 252 27.26 -8.50 7.37
CA ASN A 252 27.21 -9.40 6.21
C ASN A 252 26.67 -8.72 4.95
N LEU A 253 26.20 -7.47 5.06
CA LEU A 253 25.46 -6.85 3.96
C LEU A 253 26.20 -6.80 2.61
N SER A 254 27.50 -6.51 2.64
CA SER A 254 28.26 -6.47 1.39
C SER A 254 28.59 -7.87 0.85
N TYR A 255 28.20 -8.91 1.59
CA TYR A 255 28.54 -10.30 1.30
C TYR A 255 27.30 -11.17 1.22
N MET A 256 26.16 -10.55 0.93
CA MET A 256 24.89 -11.24 0.89
C MET A 256 24.35 -11.18 -0.53
N PRO A 257 23.40 -12.07 -0.87
CA PRO A 257 22.95 -12.16 -2.26
C PRO A 257 21.84 -11.17 -2.60
N THR A 258 21.70 -10.92 -3.90
CA THR A 258 20.60 -10.13 -4.40
C THR A 258 19.48 -11.08 -4.79
N VAL A 259 18.26 -10.73 -4.40
CA VAL A 259 17.08 -11.56 -4.69
C VAL A 259 16.35 -10.93 -5.86
N VAL A 260 16.13 -11.72 -6.92
CA VAL A 260 15.65 -11.16 -8.20
C VAL A 260 14.26 -11.66 -8.59
N PHE A 261 13.32 -10.72 -8.73
CA PHE A 261 11.97 -11.05 -9.18
C PHE A 261 11.87 -10.85 -10.69
N GLU A 262 11.48 -11.90 -11.40
CA GLU A 262 11.29 -11.80 -12.85
C GLU A 262 9.81 -11.47 -13.08
N ILE A 263 9.56 -10.31 -13.64
CA ILE A 263 8.19 -9.86 -13.84
C ILE A 263 8.01 -9.40 -15.28
N ASN A 264 7.14 -10.11 -16.01
CA ASN A 264 6.88 -9.83 -17.43
C ASN A 264 8.13 -9.50 -18.23
N GLY A 265 9.12 -10.39 -18.15
CA GLY A 265 10.29 -10.32 -19.01
C GLY A 265 11.42 -9.40 -18.56
N LYS A 266 11.27 -8.74 -17.41
CA LYS A 266 12.32 -7.88 -16.90
C LYS A 266 12.68 -8.28 -15.47
N MET A 267 13.96 -8.15 -15.12
CA MET A 267 14.43 -8.51 -13.79
C MET A 267 14.34 -7.35 -12.82
N TYR A 268 13.87 -7.65 -11.63
CA TYR A 268 13.75 -6.72 -10.53
C TYR A 268 14.58 -7.13 -9.30
N PRO A 269 15.83 -6.72 -9.29
CA PRO A 269 16.67 -7.13 -8.16
C PRO A 269 16.39 -6.33 -6.89
N LEU A 270 16.48 -7.03 -5.76
CA LEU A 270 16.50 -6.39 -4.45
C LEU A 270 17.86 -6.69 -3.81
N THR A 271 18.65 -5.65 -3.64
CA THR A 271 19.96 -5.79 -3.02
C THR A 271 19.78 -6.01 -1.54
N PRO A 272 20.83 -6.52 -0.87
CA PRO A 272 20.78 -6.67 0.59
C PRO A 272 20.36 -5.40 1.30
N SER A 273 20.87 -4.23 0.87
CA SER A 273 20.46 -3.01 1.53
C SER A 273 18.95 -2.72 1.35
N ALA A 274 18.41 -3.10 0.20
CA ALA A 274 16.99 -2.90 -0.07
C ALA A 274 16.09 -3.78 0.78
N TYR A 275 16.47 -5.05 0.95
CA TYR A 275 15.57 -5.97 1.67
C TYR A 275 15.86 -6.05 3.15
N THR A 276 16.92 -5.39 3.62
CA THR A 276 17.28 -5.45 5.03
C THR A 276 16.93 -4.14 5.73
N SER A 277 16.10 -4.22 6.76
CA SER A 277 15.79 -3.05 7.57
CA SER A 277 15.79 -3.05 7.57
C SER A 277 16.98 -2.80 8.50
N GLN A 278 17.57 -1.62 8.39
CA GLN A 278 18.79 -1.28 9.13
C GLN A 278 18.51 -0.20 10.15
N ASP A 279 18.53 -0.58 11.43
CA ASP A 279 18.17 0.32 12.53
C ASP A 279 19.34 0.49 13.48
N GLN A 280 20.17 1.49 13.22
CA GLN A 280 21.31 1.82 14.08
C GLN A 280 22.17 0.61 14.43
N GLY A 281 22.48 -0.22 13.43
CA GLY A 281 23.33 -1.37 13.66
C GLY A 281 22.59 -2.65 13.99
N PHE A 282 21.26 -2.57 14.08
CA PHE A 282 20.42 -3.75 14.27
C PHE A 282 19.61 -4.00 12.99
N CYS A 283 19.77 -5.18 12.40
CA CYS A 283 19.20 -5.45 11.08
C CYS A 283 18.20 -6.59 11.10
N THR A 284 17.11 -6.42 10.35
CA THR A 284 16.08 -7.45 10.28
C THR A 284 15.61 -7.65 8.84
N SER A 285 14.97 -8.79 8.57
CA SER A 285 14.54 -9.10 7.21
C SER A 285 13.27 -8.38 6.78
N GLY A 286 13.27 -7.90 5.55
CA GLY A 286 12.08 -7.29 4.97
C GLY A 286 11.15 -8.30 4.33
N PHE A 287 11.51 -9.59 4.35
CA PHE A 287 10.62 -10.64 3.86
C PHE A 287 9.75 -11.16 5.01
N GLN A 288 8.49 -11.44 4.71
CA GLN A 288 7.54 -11.86 5.74
C GLN A 288 6.69 -12.99 5.18
N SER A 289 6.41 -13.99 6.01
CA SER A 289 5.58 -15.10 5.59
C SER A 289 4.11 -14.76 5.74
N GLU A 290 3.28 -15.39 4.92
CA GLU A 290 1.85 -15.34 5.16
C GLU A 290 1.38 -16.76 5.40
N ASN A 291 0.46 -16.89 6.30
CA ASN A 291 0.08 -18.21 6.73
C ASN A 291 -0.19 -19.20 5.67
N HIS A 292 -1.35 -19.14 5.02
CA HIS A 292 -1.67 -20.11 4.02
C HIS A 292 -1.89 -19.56 2.62
N SER A 293 -2.05 -18.25 2.48
CA SER A 293 -2.16 -17.63 1.16
C SER A 293 -0.89 -17.88 0.35
N GLN A 294 -1.07 -17.93 -0.94
CA GLN A 294 0.03 -18.15 -1.81
C GLN A 294 0.24 -16.96 -2.75
N LYS A 295 -0.51 -15.91 -2.56
CA LYS A 295 -0.43 -14.68 -3.34
C LYS A 295 0.61 -13.78 -2.73
N TRP A 296 1.63 -13.41 -3.49
CA TRP A 296 2.67 -12.54 -2.95
C TRP A 296 2.17 -11.11 -2.81
N ILE A 297 2.74 -10.38 -1.86
CA ILE A 297 2.41 -8.97 -1.73
C ILE A 297 3.72 -8.17 -1.84
N LEU A 298 3.87 -7.44 -2.94
CA LEU A 298 5.04 -6.58 -3.09
C LEU A 298 4.70 -5.25 -2.44
N GLY A 299 5.15 -5.09 -1.19
CA GLY A 299 4.82 -3.92 -0.41
C GLY A 299 5.91 -2.86 -0.46
N ASP A 300 6.03 -2.10 0.63
CA ASP A 300 6.91 -0.92 0.64
C ASP A 300 8.39 -1.25 0.42
N VAL A 301 8.82 -2.42 0.88
CA VAL A 301 10.17 -2.90 0.63
C VAL A 301 10.47 -2.85 -0.88
N PHE A 302 9.50 -3.30 -1.67
CA PHE A 302 9.64 -3.33 -3.14
C PHE A 302 9.47 -1.95 -3.78
N ILE A 303 8.46 -1.21 -3.34
CA ILE A 303 8.12 0.08 -3.93
C ILE A 303 9.22 1.13 -3.68
N ARG A 304 9.92 1.04 -2.56
CA ARG A 304 11.08 1.91 -2.35
C ARG A 304 12.15 1.75 -3.43
N GLU A 305 12.23 0.55 -4.00
CA GLU A 305 13.22 0.29 -5.04
C GLU A 305 12.69 0.57 -6.43
N TYR A 306 11.38 0.49 -6.59
CA TYR A 306 10.75 0.62 -7.91
C TYR A 306 9.54 1.56 -7.86
N TYR A 307 9.74 2.76 -8.41
CA TYR A 307 8.66 3.72 -8.62
C TYR A 307 7.50 3.01 -9.31
N SER A 308 6.30 3.17 -8.77
CA SER A 308 5.15 2.36 -9.16
C SER A 308 4.02 3.19 -9.75
N VAL A 309 3.52 2.74 -10.90
CA VAL A 309 2.43 3.42 -11.59
C VAL A 309 1.26 2.44 -11.72
N PHE A 310 0.06 2.97 -11.48
CA PHE A 310 -1.16 2.17 -11.45
C PHE A 310 -2.10 2.75 -12.49
N ASP A 311 -2.29 2.04 -13.60
CA ASP A 311 -2.97 2.58 -14.79
C ASP A 311 -4.32 1.88 -14.96
N ARG A 312 -5.40 2.62 -14.67
CA ARG A 312 -6.76 2.11 -14.82
C ARG A 312 -7.29 2.22 -16.25
N ALA A 313 -6.68 3.05 -17.08
CA ALA A 313 -7.16 3.18 -18.45
C ALA A 313 -6.93 1.89 -19.20
N ASN A 314 -5.75 1.34 -19.00
CA ASN A 314 -5.32 0.19 -19.70
CA ASN A 314 -5.38 0.15 -19.68
C ASN A 314 -5.02 -1.06 -18.86
N ASN A 315 -5.31 -1.01 -17.58
CA ASN A 315 -5.16 -2.15 -16.69
C ASN A 315 -3.74 -2.68 -16.67
N LEU A 316 -2.82 -1.77 -16.31
CA LEU A 316 -1.44 -2.06 -16.27
C LEU A 316 -0.83 -1.56 -14.97
N VAL A 317 0.20 -2.24 -14.50
CA VAL A 317 1.11 -1.66 -13.52
C VAL A 317 2.40 -1.26 -14.23
N GLY A 318 2.94 -0.09 -13.89
CA GLY A 318 4.23 0.33 -14.42
C GLY A 318 5.28 0.35 -13.32
N LEU A 319 6.48 -0.10 -13.65
CA LEU A 319 7.59 -0.08 -12.69
C LEU A 319 8.81 0.56 -13.33
N ALA A 320 9.54 1.33 -12.54
CA ALA A 320 10.80 1.91 -12.99
C ALA A 320 11.76 2.00 -11.81
N LYS A 321 13.06 1.89 -12.09
CA LYS A 321 14.04 1.97 -11.01
C LYS A 321 13.99 3.35 -10.32
N ALA A 322 13.72 3.35 -9.02
CA ALA A 322 13.58 4.58 -8.28
C ALA A 322 14.92 5.36 -8.17
N ILE A 323 14.84 6.66 -8.18
CA ILE A 323 16.00 7.49 -8.06
C ILE A 323 16.65 7.35 -6.68
CA IVA B 1 4.17 -4.07 9.76
CB IVA B 1 4.74 -3.10 10.74
CG1 IVA B 1 3.79 -2.60 11.79
CG2 IVA B 1 6.03 -3.65 11.32
C IVA B 1 2.69 -3.82 9.46
O IVA B 1 2.10 -4.41 10.38
N VAL B 2 2.21 -3.42 8.83
CA VAL B 2 0.84 -3.50 8.39
C VAL B 2 0.67 -4.27 7.09
N VAL B 3 -0.49 -4.86 6.92
CA VAL B 3 -0.88 -5.52 5.71
C VAL B 3 -2.29 -5.11 5.39
N STA B 4 -2.49 -4.17 4.49
CA STA B 4 -3.79 -3.63 4.23
CB STA B 4 -3.80 -2.17 4.65
CG STA B 4 -3.25 -1.87 6.04
CD1 STA B 4 -4.26 -2.29 7.05
CD2 STA B 4 -3.02 -0.40 6.21
CH STA B 4 -4.21 -3.72 2.75
OH STA B 4 -3.20 -3.22 1.94
CM STA B 4 -4.49 -5.13 2.28
C STA B 4 -5.86 -5.61 2.76
O STA B 4 -5.74 -6.36 3.71
N ALA B 5 -6.72 -5.38 2.12
CA ALA B 5 -8.05 -5.86 2.49
C ALA B 5 -8.22 -7.35 2.28
N STA B 6 -8.97 -8.08 2.97
CA STA B 6 -9.29 -9.47 2.77
CB STA B 6 -9.13 -10.28 4.05
CG STA B 6 -7.81 -10.10 4.73
CD1 STA B 6 -7.78 -10.73 6.12
CD2 STA B 6 -6.70 -10.64 3.86
CH STA B 6 -10.70 -9.70 2.19
OH STA B 6 -11.69 -9.35 3.13
CM STA B 6 -11.00 -8.86 0.95
C STA B 6 -12.32 -9.18 0.28
O STA B 6 -13.17 -8.35 0.09
OXT STA B 6 -12.48 -10.31 -0.07
NA NA C . -4.98 -3.64 -21.22
CD CD D . -10.56 9.32 -17.96
C1 EDO E . -11.66 3.18 -16.73
O1 EDO E . -11.89 3.02 -15.33
C2 EDO E . -11.08 4.56 -16.97
O2 EDO E . -10.46 4.67 -18.24
C1 EDO F . -3.09 9.08 -23.22
O1 EDO F . -3.44 10.20 -22.41
C2 EDO F . -3.34 9.43 -24.68
O2 EDO F . -4.68 9.79 -24.92
C1 EDO G . -4.00 -8.91 1.05
O1 EDO G . -3.82 -9.48 2.33
C2 EDO G . -4.77 -9.92 0.25
O2 EDO G . -4.10 -10.33 -0.94
C1 EDO H . 14.78 -3.79 17.65
O1 EDO H . 14.40 -4.46 16.48
C2 EDO H . 15.23 -4.91 18.54
O2 EDO H . 14.04 -5.60 18.81
#